data_4PDH
#
_entry.id   4PDH
#
_cell.length_a   42.153
_cell.length_b   112.539
_cell.length_c   148.284
_cell.angle_alpha   90.000
_cell.angle_beta   90.000
_cell.angle_gamma   90.000
#
_symmetry.space_group_name_H-M   'I 2 2 2'
#
loop_
_entity.id
_entity.type
_entity.pdbx_description
1 polymer 'TRAP dicarboxylate transporter, DctP subunit'
2 non-polymer '(2R,3R)-2,3,4-trihydroxybutanoic acid'
3 water water
#
_entity_poly.entity_id   1
_entity_poly.type   'polypeptide(L)'
_entity_poly.pdbx_seq_one_letter_code
;(PCA)TTMKISISTSQNSHQGVAIDTFAKEVEKRTGGRYKVQTFYSGALGGERESIEAVQLGTQELAFSSTGPVPNFVPE
TKILDVPFLFRDKAHARAVLDGPIGQDLLGKFDAKGFKALAWGENGFRHMTNSKRDVKGPEDLKGLKMRTMENPVHIAAY
KGFGIITTPMAFPEVFTALQQGTVDGQENPLSVIIASKFDQVQKHLSLTGHVYSPCIWVMNKAVFDKLSAADKQAFLDAA
KEGTKANRARVDEDDAKGVADLRAKGMTVIDNIDKSKFVTALAPVNAEFEKQFGKANIEKIRNYK
;
_entity_poly.pdbx_strand_id   A
#
loop_
_chem_comp.id
_chem_comp.type
_chem_comp.name
_chem_comp.formula
EAX non-polymer '(2R,3R)-2,3,4-trihydroxybutanoic acid' 'C4 H8 O5'
#
# COMPACT_ATOMS: atom_id res chain seq x y z
N PCA A 1 -21.11 9.42 23.31
CA PCA A 1 -20.17 8.80 22.39
CB PCA A 1 -20.86 7.82 21.45
CG PCA A 1 -22.35 8.04 21.63
CD PCA A 1 -22.41 8.94 22.82
OE PCA A 1 -23.47 9.24 23.35
C PCA A 1 -19.45 9.84 21.53
O PCA A 1 -20.01 10.88 21.20
N THR A 2 -18.20 9.54 21.20
CA THR A 2 -17.43 10.37 20.30
C THR A 2 -17.37 9.62 18.98
N THR A 3 -17.78 10.28 17.89
CA THR A 3 -17.71 9.63 16.57
C THR A 3 -16.52 10.17 15.77
N MET A 4 -15.65 9.26 15.34
CA MET A 4 -14.45 9.63 14.59
C MET A 4 -14.62 9.18 13.13
N LYS A 5 -13.78 9.70 12.25
CA LYS A 5 -13.83 9.34 10.84
C LYS A 5 -12.54 8.64 10.41
N ILE A 6 -12.69 7.63 9.57
CA ILE A 6 -11.55 6.97 8.91
C ILE A 6 -11.82 6.84 7.42
N SER A 7 -10.78 7.00 6.58
CA SER A 7 -10.99 6.97 5.14
C SER A 7 -9.92 6.17 4.43
N ILE A 8 -10.32 5.62 3.28
CA ILE A 8 -9.42 4.92 2.36
C ILE A 8 -9.71 5.34 0.93
N SER A 9 -8.84 4.90 0.00
CA SER A 9 -8.97 5.23 -1.40
C SER A 9 -9.57 4.11 -2.29
N THR A 10 -9.78 2.92 -1.71
CA THR A 10 -10.36 1.78 -2.43
C THR A 10 -11.76 1.49 -1.88
N SER A 11 -12.42 0.48 -2.42
CA SER A 11 -13.84 0.27 -2.14
C SER A 11 -14.13 -0.43 -0.81
N GLN A 12 -15.39 -0.40 -0.38
CA GLN A 12 -15.79 -1.21 0.78
C GLN A 12 -15.50 -2.69 0.56
N ASN A 13 -15.76 -3.17 -0.66
CA ASN A 13 -15.53 -4.57 -1.00
C ASN A 13 -14.13 -4.73 -1.53
N SER A 14 -13.16 -4.49 -0.65
CA SER A 14 -11.75 -4.64 -0.95
C SER A 14 -11.04 -5.06 0.32
N HIS A 15 -9.76 -5.41 0.20
CA HIS A 15 -8.92 -5.70 1.34
C HIS A 15 -8.82 -4.59 2.36
N GLN A 16 -8.90 -3.34 1.92
CA GLN A 16 -8.83 -2.23 2.82
C GLN A 16 -10.19 -1.88 3.40
N GLY A 17 -11.23 -2.10 2.62
CA GLY A 17 -12.56 -1.84 3.13
C GLY A 17 -12.98 -2.81 4.23
N VAL A 18 -12.69 -4.09 4.06
CA VAL A 18 -12.98 -5.04 5.16
C VAL A 18 -12.12 -4.72 6.39
N ALA A 19 -10.91 -4.23 6.17
CA ALA A 19 -10.03 -3.76 7.28
C ALA A 19 -10.69 -2.67 8.11
N ILE A 20 -11.12 -1.59 7.47
CA ILE A 20 -11.66 -0.48 8.24
C ILE A 20 -13.05 -0.80 8.81
N ASP A 21 -13.82 -1.63 8.14
CA ASP A 21 -15.10 -2.03 8.71
C ASP A 21 -14.88 -2.87 9.99
N THR A 22 -13.91 -3.77 9.94
CA THR A 22 -13.59 -4.59 11.10
C THR A 22 -13.08 -3.70 12.24
N PHE A 23 -12.16 -2.81 11.91
CA PHE A 23 -11.67 -1.84 12.89
C PHE A 23 -12.80 -1.05 13.56
N ALA A 24 -13.70 -0.50 12.75
CA ALA A 24 -14.80 0.30 13.29
C ALA A 24 -15.69 -0.52 14.22
N LYS A 25 -16.02 -1.74 13.83
CA LYS A 25 -16.84 -2.63 14.67
C LYS A 25 -16.16 -2.92 16.00
N GLU A 26 -14.87 -3.20 15.93
CA GLU A 26 -14.10 -3.56 17.12
C GLU A 26 -13.89 -2.39 18.07
N VAL A 27 -13.73 -1.18 17.54
CA VAL A 27 -13.60 -0.01 18.40
C VAL A 27 -14.86 0.19 19.23
N GLU A 28 -16.01 0.08 18.57
CA GLU A 28 -17.28 0.28 19.27
C GLU A 28 -17.50 -0.79 20.33
N LYS A 29 -17.16 -2.03 20.01
CA LYS A 29 -17.34 -3.11 20.97
C LYS A 29 -16.42 -2.96 22.18
N ARG A 30 -15.14 -2.70 21.91
CA ARG A 30 -14.13 -2.72 22.96
C ARG A 30 -14.17 -1.49 23.86
N THR A 31 -14.73 -0.40 23.36
CA THR A 31 -14.91 0.82 24.16
C THR A 31 -16.33 0.97 24.68
N GLY A 32 -17.12 -0.09 24.55
CA GLY A 32 -18.46 -0.09 25.09
C GLY A 32 -19.28 1.04 24.54
N GLY A 33 -19.05 1.40 23.29
CA GLY A 33 -19.84 2.44 22.67
C GLY A 33 -19.37 3.84 22.95
N ARG A 34 -18.28 3.98 23.72
CA ARG A 34 -17.77 5.32 24.02
C ARG A 34 -17.30 5.99 22.73
N TYR A 35 -16.78 5.18 21.80
CA TYR A 35 -16.30 5.70 20.52
C TYR A 35 -16.91 4.89 19.39
N LYS A 36 -17.25 5.59 18.31
CA LYS A 36 -17.74 4.99 17.09
C LYS A 36 -16.94 5.55 15.93
N VAL A 37 -16.81 4.78 14.87
CA VAL A 37 -15.98 5.18 13.75
C VAL A 37 -16.77 5.10 12.45
N GLN A 38 -16.97 6.24 11.80
CA GLN A 38 -17.59 6.32 10.49
C GLN A 38 -16.57 6.02 9.43
N THR A 39 -16.94 5.15 8.50
CA THR A 39 -16.04 4.74 7.42
C THR A 39 -16.37 5.42 6.08
N PHE A 40 -15.31 5.80 5.37
CA PHE A 40 -15.42 6.48 4.08
C PHE A 40 -14.55 5.74 3.06
N TYR A 41 -15.14 5.41 1.92
CA TYR A 41 -14.46 4.58 0.92
C TYR A 41 -14.17 5.37 -0.35
N SER A 42 -13.35 4.74 -1.21
CA SER A 42 -13.16 5.20 -2.57
C SER A 42 -12.79 6.69 -2.70
N GLY A 43 -11.98 7.19 -1.78
CA GLY A 43 -11.51 8.56 -1.89
C GLY A 43 -12.53 9.64 -1.53
N ALA A 44 -13.58 9.25 -0.83
CA ALA A 44 -14.60 10.19 -0.40
C ALA A 44 -14.07 11.32 0.48
N LEU A 45 -13.00 11.07 1.24
CA LEU A 45 -12.36 12.18 2.00
C LEU A 45 -10.99 12.54 1.44
N GLY A 46 -10.73 12.12 0.21
CA GLY A 46 -9.52 12.45 -0.50
C GLY A 46 -8.69 11.21 -0.74
N GLY A 47 -7.71 11.31 -1.63
CA GLY A 47 -6.74 10.25 -1.79
C GLY A 47 -5.83 10.13 -0.56
N GLU A 48 -4.90 9.17 -0.62
CA GLU A 48 -4.12 8.83 0.56
C GLU A 48 -3.29 9.99 1.11
N ARG A 49 -2.57 10.72 0.26
CA ARG A 49 -1.79 11.85 0.76
C ARG A 49 -2.66 12.86 1.49
N GLU A 50 -3.79 13.21 0.88
CA GLU A 50 -4.72 14.19 1.45
C GLU A 50 -5.29 13.69 2.79
N SER A 51 -5.60 12.41 2.86
CA SER A 51 -6.14 11.82 4.08
C SER A 51 -5.09 11.82 5.21
N ILE A 52 -3.86 11.44 4.91
CA ILE A 52 -2.79 11.45 5.92
C ILE A 52 -2.52 12.89 6.37
N GLU A 53 -2.44 13.82 5.44
CA GLU A 53 -2.28 15.22 5.80
C GLU A 53 -3.38 15.68 6.76
N ALA A 54 -4.62 15.26 6.50
CA ALA A 54 -5.77 15.66 7.32
C ALA A 54 -5.63 15.09 8.72
N VAL A 55 -5.17 13.85 8.80
CA VAL A 55 -4.92 13.24 10.09
C VAL A 55 -3.86 14.00 10.85
N GLN A 56 -2.77 14.37 10.17
CA GLN A 56 -1.73 15.15 10.85
C GLN A 56 -2.21 16.52 11.34
N LEU A 57 -2.99 17.19 10.50
CA LEU A 57 -3.61 18.47 10.85
C LEU A 57 -4.69 18.35 11.93
N GLY A 58 -5.30 17.19 12.03
CA GLY A 58 -6.34 16.96 13.01
C GLY A 58 -7.74 17.24 12.51
N THR A 59 -7.91 17.39 11.20
CA THR A 59 -9.25 17.63 10.65
C THR A 59 -9.99 16.33 10.49
N GLN A 60 -9.26 15.22 10.67
CA GLN A 60 -9.79 13.89 10.56
C GLN A 60 -8.98 13.06 11.55
N GLU A 61 -9.59 12.08 12.19
CA GLU A 61 -8.92 11.34 13.25
C GLU A 61 -8.03 10.21 12.74
N LEU A 62 -8.49 9.51 11.71
CA LEU A 62 -7.86 8.28 11.29
C LEU A 62 -7.73 8.10 9.78
N ALA A 63 -6.73 7.33 9.38
CA ALA A 63 -6.63 6.86 7.98
C ALA A 63 -5.97 5.50 7.94
N PHE A 64 -6.36 4.68 6.95
CA PHE A 64 -5.67 3.45 6.65
C PHE A 64 -5.15 3.63 5.23
N SER A 65 -3.83 3.53 5.06
CA SER A 65 -3.22 3.89 3.78
C SER A 65 -2.07 2.99 3.42
N SER A 66 -1.77 2.87 2.12
CA SER A 66 -0.54 2.22 1.71
C SER A 66 0.60 3.15 2.10
N THR A 67 1.83 2.66 2.03
CA THR A 67 3.00 3.51 2.27
C THR A 67 3.33 4.43 1.13
N GLY A 68 2.52 4.43 0.07
CA GLY A 68 2.84 5.25 -1.09
C GLY A 68 3.29 6.67 -0.76
N PRO A 69 2.42 7.41 -0.09
CA PRO A 69 2.73 8.80 0.24
C PRO A 69 3.40 9.00 1.60
N VAL A 70 3.68 7.90 2.30
CA VAL A 70 4.14 7.98 3.69
C VAL A 70 5.54 8.58 3.87
N PRO A 71 6.50 8.28 2.97
CA PRO A 71 7.81 8.94 3.10
C PRO A 71 7.80 10.45 3.12
N ASN A 72 6.81 11.07 2.50
CA ASN A 72 6.70 12.53 2.52
C ASN A 72 6.47 13.03 3.95
N PHE A 73 6.00 12.14 4.82
CA PHE A 73 5.73 12.48 6.21
C PHE A 73 6.77 11.88 7.15
N VAL A 74 7.16 10.63 6.86
CA VAL A 74 8.01 9.85 7.73
C VAL A 74 9.06 9.16 6.87
N PRO A 75 10.24 9.78 6.69
CA PRO A 75 11.15 9.27 5.65
C PRO A 75 11.84 7.96 6.00
N GLU A 76 11.81 7.59 7.28
CA GLU A 76 12.44 6.37 7.71
C GLU A 76 11.76 5.12 7.12
N THR A 77 10.53 5.25 6.65
CA THR A 77 9.83 4.09 6.11
C THR A 77 10.24 3.70 4.68
N LYS A 78 11.05 4.52 4.01
CA LYS A 78 11.41 4.27 2.61
C LYS A 78 12.00 2.89 2.38
N ILE A 79 12.74 2.37 3.35
CA ILE A 79 13.45 1.12 3.14
C ILE A 79 12.43 -0.01 2.78
N LEU A 80 11.19 0.14 3.22
CA LEU A 80 10.19 -0.90 2.95
C LEU A 80 9.76 -0.95 1.48
N ASP A 81 9.96 0.16 0.77
CA ASP A 81 9.49 0.33 -0.59
C ASP A 81 10.56 -0.11 -1.61
N VAL A 82 11.69 -0.63 -1.14
CA VAL A 82 12.74 -1.08 -2.06
C VAL A 82 12.33 -2.34 -2.83
N PRO A 83 12.50 -2.32 -4.16
CA PRO A 83 12.05 -3.49 -4.92
C PRO A 83 12.81 -4.77 -4.59
N PHE A 84 12.06 -5.87 -4.63
CA PHE A 84 12.59 -7.22 -4.46
C PHE A 84 13.30 -7.41 -3.13
N LEU A 85 12.83 -6.70 -2.12
CA LEU A 85 13.43 -6.84 -0.82
C LEU A 85 12.84 -8.02 -0.05
N PHE A 86 11.54 -8.20 -0.16
CA PHE A 86 10.82 -9.25 0.54
C PHE A 86 10.57 -10.43 -0.40
N ARG A 87 10.82 -11.65 0.06
CA ARG A 87 10.67 -12.83 -0.77
C ARG A 87 9.21 -13.17 -1.00
N ASP A 88 8.38 -12.92 0.00
CA ASP A 88 6.97 -13.32 -0.05
C ASP A 88 6.22 -12.68 1.12
N LYS A 89 4.91 -12.88 1.17
CA LYS A 89 4.08 -12.21 2.18
C LYS A 89 4.45 -12.68 3.58
N ALA A 90 4.83 -13.93 3.72
CA ALA A 90 5.16 -14.42 5.04
C ALA A 90 6.39 -13.69 5.56
N HIS A 91 7.38 -13.48 4.69
CA HIS A 91 8.57 -12.73 5.06
C HIS A 91 8.22 -11.30 5.48
N ALA A 92 7.41 -10.63 4.67
CA ALA A 92 7.08 -9.23 4.94
C ALA A 92 6.30 -9.10 6.24
N ARG A 93 5.34 -9.98 6.44
CA ARG A 93 4.53 -9.92 7.65
C ARG A 93 5.35 -10.14 8.91
N ALA A 94 6.29 -11.08 8.85
CA ALA A 94 7.13 -11.40 9.97
C ALA A 94 8.00 -10.20 10.32
N VAL A 95 8.57 -9.58 9.30
CA VAL A 95 9.38 -8.39 9.50
C VAL A 95 8.59 -7.26 10.14
N LEU A 96 7.41 -6.98 9.61
CA LEU A 96 6.63 -5.85 10.09
C LEU A 96 6.03 -6.09 11.49
N ASP A 97 5.67 -7.33 11.78
CA ASP A 97 5.12 -7.67 13.09
C ASP A 97 6.17 -7.80 14.19
N GLY A 98 7.42 -8.03 13.80
CA GLY A 98 8.52 -8.17 14.71
C GLY A 98 9.17 -6.83 15.04
N PRO A 99 10.31 -6.85 15.72
CA PRO A 99 10.88 -5.59 16.23
C PRO A 99 11.24 -4.58 15.14
N ILE A 100 11.64 -5.06 13.95
CA ILE A 100 11.98 -4.12 12.87
C ILE A 100 10.79 -3.23 12.55
N GLY A 101 9.63 -3.84 12.33
CA GLY A 101 8.43 -3.08 12.06
C GLY A 101 7.93 -2.30 13.24
N GLN A 102 8.02 -2.89 14.43
CA GLN A 102 7.48 -2.24 15.61
C GLN A 102 8.29 -0.99 15.94
N ASP A 103 9.60 -1.06 15.78
CA ASP A 103 10.44 0.11 15.91
C ASP A 103 10.08 1.20 14.87
N LEU A 104 9.78 0.82 13.64
CA LEU A 104 9.38 1.81 12.63
C LEU A 104 8.06 2.51 13.00
N LEU A 105 7.16 1.82 13.69
CA LEU A 105 5.92 2.48 14.10
C LEU A 105 6.23 3.66 15.01
N GLY A 106 7.28 3.52 15.84
CA GLY A 106 7.63 4.57 16.77
C GLY A 106 8.12 5.86 16.12
N LYS A 107 8.61 5.74 14.89
CA LYS A 107 9.09 6.93 14.16
C LYS A 107 7.95 7.89 13.76
N PHE A 108 6.70 7.42 13.84
CA PHE A 108 5.56 8.26 13.51
C PHE A 108 5.23 9.26 14.64
N ASP A 109 5.64 8.96 15.87
CA ASP A 109 5.35 9.81 17.05
C ASP A 109 5.82 11.26 16.85
N ALA A 110 7.04 11.41 16.32
CA ALA A 110 7.66 12.73 16.16
C ALA A 110 7.01 13.56 15.07
N LYS A 111 6.21 12.92 14.23
CA LYS A 111 5.54 13.58 13.12
C LYS A 111 4.04 13.83 13.36
N GLY A 112 3.59 13.61 14.59
CA GLY A 112 2.25 14.00 14.97
C GLY A 112 1.20 12.92 14.76
N PHE A 113 1.64 11.68 14.63
CA PHE A 113 0.73 10.55 14.55
C PHE A 113 0.94 9.57 15.69
N LYS A 114 -0.07 8.76 15.97
CA LYS A 114 0.15 7.45 16.58
C LYS A 114 -0.10 6.45 15.48
N ALA A 115 0.92 5.64 15.18
CA ALA A 115 0.73 4.59 14.21
C ALA A 115 0.28 3.33 14.97
N LEU A 116 -0.97 2.94 14.78
CA LEU A 116 -1.56 1.84 15.58
C LEU A 116 -1.00 0.46 15.26
N ALA A 117 -0.66 0.23 14.00
CA ALA A 117 -0.22 -1.10 13.55
C ALA A 117 0.12 -1.05 12.07
N TRP A 118 0.89 -2.03 11.62
CA TRP A 118 1.05 -2.28 10.19
C TRP A 118 -0.05 -3.21 9.66
N GLY A 119 -0.46 -2.94 8.43
CA GLY A 119 -1.31 -3.83 7.64
C GLY A 119 -0.66 -4.10 6.28
N GLU A 120 -1.48 -4.42 5.28
CA GLU A 120 -0.98 -4.91 3.99
C GLU A 120 -1.80 -4.48 2.78
N ASN A 121 -1.13 -3.97 1.76
CA ASN A 121 -1.75 -3.70 0.47
C ASN A 121 -1.46 -4.89 -0.42
N GLY A 122 -0.20 -5.32 -0.46
CA GLY A 122 0.18 -6.55 -1.13
C GLY A 122 1.36 -6.35 -2.05
N PHE A 123 1.79 -7.40 -2.75
CA PHE A 123 2.83 -7.23 -3.77
C PHE A 123 2.23 -6.56 -4.98
N ARG A 124 2.94 -5.61 -5.58
CA ARG A 124 2.40 -4.81 -6.68
C ARG A 124 2.85 -5.39 -8.02
N HIS A 125 1.97 -5.28 -9.02
CA HIS A 125 2.12 -5.90 -10.35
C HIS A 125 1.88 -4.86 -11.46
N MET A 126 2.59 -4.98 -12.57
CA MET A 126 2.42 -4.03 -13.68
C MET A 126 1.23 -4.35 -14.60
N THR A 127 0.39 -3.34 -14.88
CA THR A 127 -0.62 -3.44 -15.92
C THR A 127 -0.40 -2.37 -16.97
N ASN A 128 -0.85 -2.62 -18.20
CA ASN A 128 -0.85 -1.57 -19.19
C ASN A 128 -1.81 -1.87 -20.35
N SER A 129 -1.97 -0.91 -21.24
N SER A 129 -1.94 -0.89 -21.24
CA SER A 129 -2.89 -1.05 -22.37
CA SER A 129 -2.86 -0.92 -22.39
C SER A 129 -2.19 -1.19 -23.72
C SER A 129 -2.19 -1.32 -23.70
N LYS A 130 -0.87 -1.34 -23.72
CA LYS A 130 -0.08 -1.43 -24.96
C LYS A 130 0.45 -2.80 -25.33
N ARG A 131 1.11 -3.51 -24.41
CA ARG A 131 1.78 -4.74 -24.78
C ARG A 131 2.03 -5.67 -23.60
N ASP A 132 2.25 -6.94 -23.90
CA ASP A 132 2.65 -7.90 -22.88
C ASP A 132 4.02 -7.58 -22.32
N VAL A 133 4.14 -7.58 -20.99
CA VAL A 133 5.43 -7.35 -20.33
C VAL A 133 6.02 -8.69 -19.84
N LYS A 134 7.11 -9.10 -20.48
CA LYS A 134 7.78 -10.33 -20.10
C LYS A 134 9.15 -10.09 -19.48
N GLY A 135 9.77 -8.97 -19.86
CA GLY A 135 11.04 -8.57 -19.31
C GLY A 135 11.08 -7.06 -19.14
N PRO A 136 12.13 -6.56 -18.47
CA PRO A 136 12.22 -5.14 -18.16
C PRO A 136 12.27 -4.28 -19.40
N GLU A 137 12.89 -4.81 -20.46
CA GLU A 137 12.98 -4.05 -21.71
C GLU A 137 11.59 -3.72 -22.24
N ASP A 138 10.59 -4.56 -21.91
CA ASP A 138 9.22 -4.30 -22.33
C ASP A 138 8.62 -3.08 -21.59
N LEU A 139 9.19 -2.71 -20.45
CA LEU A 139 8.68 -1.54 -19.73
C LEU A 139 9.20 -0.25 -20.31
N LYS A 140 10.33 -0.31 -21.01
CA LYS A 140 10.97 0.91 -21.50
C LYS A 140 10.04 1.68 -22.42
N GLY A 141 9.84 2.95 -22.08
CA GLY A 141 9.05 3.83 -22.92
C GLY A 141 7.58 3.88 -22.56
N LEU A 142 7.12 3.01 -21.66
CA LEU A 142 5.72 3.06 -21.21
C LEU A 142 5.54 4.27 -20.29
N LYS A 143 4.42 4.97 -20.47
CA LYS A 143 4.04 6.03 -19.54
C LYS A 143 3.20 5.38 -18.46
N MET A 144 3.66 5.46 -17.23
CA MET A 144 2.98 4.78 -16.16
C MET A 144 2.71 5.72 -15.02
N ARG A 145 1.49 5.65 -14.52
CA ARG A 145 1.19 6.26 -13.25
C ARG A 145 1.95 5.57 -12.11
N THR A 146 2.42 6.38 -11.15
CA THR A 146 3.04 5.89 -9.92
C THR A 146 2.35 6.58 -8.75
N MET A 147 2.52 6.02 -7.56
CA MET A 147 2.16 6.74 -6.37
C MET A 147 3.16 7.88 -6.15
N GLU A 148 2.90 8.70 -5.14
CA GLU A 148 3.73 9.85 -4.79
C GLU A 148 4.83 9.40 -3.85
N ASN A 149 5.63 8.46 -4.36
CA ASN A 149 6.65 7.76 -3.56
C ASN A 149 8.01 7.89 -4.26
N PRO A 150 9.00 8.47 -3.58
CA PRO A 150 10.26 8.70 -4.31
C PRO A 150 11.06 7.42 -4.60
N VAL A 151 10.89 6.37 -3.81
CA VAL A 151 11.62 5.10 -4.07
C VAL A 151 11.05 4.42 -5.31
N HIS A 152 9.72 4.33 -5.37
CA HIS A 152 9.05 3.78 -6.54
C HIS A 152 9.40 4.58 -7.80
N ILE A 153 9.37 5.90 -7.71
CA ILE A 153 9.63 6.73 -8.91
C ILE A 153 11.05 6.51 -9.41
N ALA A 154 12.01 6.48 -8.49
CA ALA A 154 13.39 6.24 -8.90
C ALA A 154 13.56 4.84 -9.51
N ALA A 155 12.95 3.84 -8.87
CA ALA A 155 13.01 2.45 -9.35
C ALA A 155 12.46 2.34 -10.76
N TYR A 156 11.28 2.90 -11.00
CA TYR A 156 10.63 2.70 -12.28
C TYR A 156 11.34 3.48 -13.40
N LYS A 157 11.91 4.63 -13.07
CA LYS A 157 12.76 5.34 -14.02
C LYS A 157 13.95 4.46 -14.39
N GLY A 158 14.40 3.64 -13.43
CA GLY A 158 15.40 2.62 -13.68
C GLY A 158 15.03 1.58 -14.73
N PHE A 159 13.74 1.32 -14.92
CA PHE A 159 13.26 0.39 -15.94
C PHE A 159 13.03 1.11 -17.27
N GLY A 160 13.26 2.41 -17.31
CA GLY A 160 12.99 3.20 -18.49
C GLY A 160 11.55 3.67 -18.64
N ILE A 161 10.78 3.56 -17.56
CA ILE A 161 9.38 4.01 -17.54
C ILE A 161 9.33 5.52 -17.45
N ILE A 162 8.37 6.12 -18.15
CA ILE A 162 8.13 7.56 -18.04
C ILE A 162 7.10 7.74 -16.92
N THR A 163 7.56 8.19 -15.76
CA THR A 163 6.70 8.16 -14.57
C THR A 163 5.77 9.38 -14.44
N THR A 164 4.54 9.15 -13.97
CA THR A 164 3.59 10.24 -13.67
C THR A 164 2.91 9.98 -12.32
N PRO A 165 3.37 10.67 -11.28
CA PRO A 165 2.73 10.50 -9.98
C PRO A 165 1.35 11.11 -9.95
N MET A 166 0.39 10.40 -9.39
N MET A 166 0.39 10.35 -9.41
CA MET A 166 -0.93 10.97 -9.20
CA MET A 166 -1.00 10.80 -9.31
C MET A 166 -1.72 10.22 -8.15
C MET A 166 -1.66 10.21 -8.06
N ALA A 167 -2.53 10.99 -7.42
CA ALA A 167 -3.38 10.43 -6.37
C ALA A 167 -4.29 9.35 -6.93
N PHE A 168 -4.61 8.35 -6.11
CA PHE A 168 -5.32 7.18 -6.60
C PHE A 168 -6.68 7.43 -7.25
N PRO A 169 -7.47 8.36 -6.70
CA PRO A 169 -8.80 8.56 -7.28
C PRO A 169 -8.79 9.07 -8.72
N GLU A 170 -7.64 9.57 -9.18
CA GLU A 170 -7.51 10.04 -10.55
C GLU A 170 -7.06 8.95 -11.55
N VAL A 171 -6.73 7.76 -11.05
CA VAL A 171 -6.08 6.76 -11.88
C VAL A 171 -7.00 6.12 -12.94
N PHE A 172 -8.22 5.74 -12.56
CA PHE A 172 -9.09 5.05 -13.56
C PHE A 172 -9.25 5.96 -14.78
N THR A 173 -9.55 7.24 -14.57
CA THR A 173 -9.81 8.14 -15.70
C THR A 173 -8.56 8.32 -16.58
N ALA A 174 -7.40 8.41 -15.95
CA ALA A 174 -6.14 8.52 -16.70
C ALA A 174 -5.91 7.29 -17.58
N LEU A 175 -6.19 6.10 -17.06
CA LEU A 175 -6.05 4.88 -17.85
C LEU A 175 -7.10 4.87 -18.97
N GLN A 176 -8.33 5.23 -18.61
CA GLN A 176 -9.42 5.27 -19.56
C GLN A 176 -9.16 6.19 -20.74
N GLN A 177 -8.59 7.35 -20.47
CA GLN A 177 -8.37 8.35 -21.52
C GLN A 177 -7.01 8.19 -22.21
N GLY A 178 -6.17 7.29 -21.71
CA GLY A 178 -4.87 7.05 -22.31
C GLY A 178 -3.83 8.11 -21.99
N THR A 179 -4.05 8.84 -20.90
CA THR A 179 -3.09 9.82 -20.41
C THR A 179 -1.81 9.12 -19.99
N VAL A 180 -1.97 7.92 -19.43
CA VAL A 180 -0.86 7.03 -19.20
C VAL A 180 -1.22 5.67 -19.84
N ASP A 181 -0.21 4.85 -20.12
CA ASP A 181 -0.40 3.52 -20.68
C ASP A 181 -0.79 2.51 -19.60
N GLY A 182 -0.33 2.73 -18.38
CA GLY A 182 -0.49 1.75 -17.33
C GLY A 182 -0.26 2.26 -15.93
N GLN A 183 -0.25 1.33 -14.98
CA GLN A 183 -0.05 1.59 -13.58
C GLN A 183 0.45 0.30 -12.94
N GLU A 184 0.57 0.28 -11.62
CA GLU A 184 0.99 -0.93 -10.93
C GLU A 184 0.34 -0.97 -9.55
N ASN A 185 -0.12 -2.14 -9.15
CA ASN A 185 -0.86 -2.28 -7.89
C ASN A 185 -1.03 -3.76 -7.57
N PRO A 186 -1.37 -4.09 -6.31
CA PRO A 186 -1.67 -5.48 -5.98
C PRO A 186 -2.95 -5.92 -6.65
N LEU A 187 -3.14 -7.23 -6.77
CA LEU A 187 -4.33 -7.78 -7.36
C LEU A 187 -5.58 -7.34 -6.61
N SER A 188 -5.48 -7.20 -5.29
CA SER A 188 -6.62 -6.70 -4.52
C SER A 188 -7.13 -5.37 -5.04
N VAL A 189 -6.21 -4.49 -5.37
CA VAL A 189 -6.57 -3.16 -5.87
C VAL A 189 -7.03 -3.19 -7.32
N ILE A 190 -6.31 -3.92 -8.18
CA ILE A 190 -6.71 -4.02 -9.58
C ILE A 190 -8.16 -4.55 -9.73
N ILE A 191 -8.52 -5.56 -8.92
CA ILE A 191 -9.85 -6.15 -8.98
C ILE A 191 -10.89 -5.19 -8.40
N ALA A 192 -10.64 -4.66 -7.21
CA ALA A 192 -11.62 -3.81 -6.56
C ALA A 192 -11.92 -2.52 -7.31
N SER A 193 -10.93 -2.01 -8.05
CA SER A 193 -11.08 -0.79 -8.83
C SER A 193 -11.50 -1.05 -10.27
N LYS A 194 -11.64 -2.33 -10.62
CA LYS A 194 -12.07 -2.72 -11.95
C LYS A 194 -11.16 -2.28 -13.10
N PHE A 195 -9.86 -2.28 -12.87
CA PHE A 195 -8.90 -1.84 -13.87
C PHE A 195 -8.88 -2.77 -15.09
N ASP A 196 -9.43 -3.98 -14.97
CA ASP A 196 -9.63 -4.84 -16.14
C ASP A 196 -10.46 -4.17 -17.25
N GLN A 197 -11.32 -3.22 -16.88
CA GLN A 197 -12.12 -2.50 -17.88
C GLN A 197 -11.29 -1.58 -18.76
N VAL A 198 -10.13 -1.17 -18.26
CA VAL A 198 -9.30 -0.17 -18.96
C VAL A 198 -7.85 -0.58 -19.20
N GLN A 199 -7.52 -1.83 -18.86
CA GLN A 199 -6.20 -2.41 -19.07
C GLN A 199 -6.39 -3.82 -19.57
N LYS A 200 -5.71 -4.18 -20.65
CA LYS A 200 -5.80 -5.54 -21.11
C LYS A 200 -4.60 -6.42 -20.75
N HIS A 201 -3.50 -5.82 -20.26
CA HIS A 201 -2.28 -6.57 -19.98
C HIS A 201 -1.90 -6.49 -18.52
N LEU A 202 -1.63 -7.66 -17.92
CA LEU A 202 -1.15 -7.75 -16.56
C LEU A 202 0.00 -8.75 -16.50
N SER A 203 1.07 -8.39 -15.81
CA SER A 203 2.16 -9.32 -15.53
C SER A 203 2.44 -9.33 -14.04
N LEU A 204 2.58 -10.53 -13.47
CA LEU A 204 2.83 -10.68 -12.04
C LEU A 204 4.30 -10.48 -11.70
N THR A 205 4.73 -9.23 -11.86
CA THR A 205 6.09 -8.82 -11.58
C THR A 205 6.43 -8.85 -10.09
N GLY A 206 5.43 -8.59 -9.24
CA GLY A 206 5.62 -8.62 -7.79
C GLY A 206 6.83 -7.78 -7.39
N HIS A 207 6.98 -6.61 -8.01
CA HIS A 207 8.27 -5.90 -7.99
C HIS A 207 8.55 -5.16 -6.69
N VAL A 208 7.52 -4.85 -5.91
CA VAL A 208 7.69 -4.28 -4.58
C VAL A 208 6.56 -4.75 -3.69
N TYR A 209 6.81 -4.78 -2.38
CA TYR A 209 5.78 -5.08 -1.40
C TYR A 209 5.27 -3.78 -0.89
N SER A 210 3.96 -3.68 -0.81
CA SER A 210 3.28 -2.47 -0.40
C SER A 210 2.57 -2.69 0.94
N PRO A 211 3.16 -2.19 2.05
CA PRO A 211 2.48 -2.25 3.35
C PRO A 211 1.34 -1.26 3.40
N CYS A 212 0.43 -1.46 4.35
CA CYS A 212 -0.49 -0.40 4.74
C CYS A 212 -0.17 -0.02 6.18
N ILE A 213 -0.59 1.17 6.58
CA ILE A 213 -0.36 1.68 7.94
C ILE A 213 -1.65 2.26 8.48
N TRP A 214 -1.95 1.96 9.74
CA TRP A 214 -3.05 2.60 10.45
C TRP A 214 -2.50 3.85 11.15
N VAL A 215 -2.96 5.05 10.79
CA VAL A 215 -2.50 6.28 11.47
C VAL A 215 -3.63 7.01 12.14
N MET A 216 -3.37 7.46 13.36
CA MET A 216 -4.30 8.25 14.14
C MET A 216 -3.63 9.56 14.52
N ASN A 217 -4.42 10.62 14.59
CA ASN A 217 -3.92 11.90 15.06
C ASN A 217 -3.36 11.76 16.49
N LYS A 218 -2.14 12.20 16.70
CA LYS A 218 -1.47 11.94 17.98
C LYS A 218 -2.18 12.55 19.15
N ALA A 219 -2.64 13.79 19.02
CA ALA A 219 -3.31 14.48 20.12
C ALA A 219 -4.62 13.75 20.47
N VAL A 220 -5.35 13.33 19.45
CA VAL A 220 -6.60 12.60 19.66
C VAL A 220 -6.31 11.29 20.42
N PHE A 221 -5.29 10.56 19.98
CA PHE A 221 -4.91 9.32 20.65
C PHE A 221 -4.47 9.58 22.08
N ASP A 222 -3.68 10.64 22.29
CA ASP A 222 -3.11 10.86 23.61
C ASP A 222 -4.19 11.20 24.62
N LYS A 223 -5.34 11.70 24.18
CA LYS A 223 -6.36 12.07 25.15
C LYS A 223 -7.30 10.91 25.53
N LEU A 224 -7.13 9.78 24.85
CA LEU A 224 -7.87 8.55 25.21
C LEU A 224 -7.41 8.03 26.57
N SER A 225 -8.30 7.40 27.31
CA SER A 225 -7.90 6.77 28.55
C SER A 225 -6.90 5.67 28.21
N ALA A 226 -6.18 5.19 29.21
CA ALA A 226 -5.25 4.08 28.97
C ALA A 226 -5.96 2.87 28.38
N ALA A 227 -7.14 2.53 28.90
CA ALA A 227 -7.85 1.34 28.45
C ALA A 227 -8.29 1.48 26.99
N ASP A 228 -8.79 2.66 26.66
CA ASP A 228 -9.26 2.96 25.33
C ASP A 228 -8.12 3.08 24.31
N LYS A 229 -6.96 3.56 24.72
CA LYS A 229 -5.80 3.50 23.84
C LYS A 229 -5.60 2.05 23.44
N GLN A 230 -5.64 1.17 24.43
CA GLN A 230 -5.43 -0.25 24.12
C GLN A 230 -6.53 -0.81 23.22
N ALA A 231 -7.77 -0.36 23.41
CA ALA A 231 -8.86 -0.81 22.53
C ALA A 231 -8.61 -0.44 21.08
N PHE A 232 -8.13 0.78 20.86
CA PHE A 232 -7.84 1.21 19.49
C PHE A 232 -6.68 0.40 18.90
N LEU A 233 -5.64 0.14 19.71
CA LEU A 233 -4.51 -0.67 19.23
C LEU A 233 -4.98 -2.07 18.85
N ASP A 234 -5.76 -2.68 19.73
CA ASP A 234 -6.30 -4.03 19.49
C ASP A 234 -7.28 -4.07 18.30
N ALA A 235 -8.10 -3.04 18.15
CA ALA A 235 -9.01 -2.97 17.00
C ALA A 235 -8.22 -2.88 15.68
N ALA A 236 -7.11 -2.15 15.69
CA ALA A 236 -6.28 -2.09 14.48
C ALA A 236 -5.66 -3.45 14.16
N LYS A 237 -5.26 -4.20 15.19
CA LYS A 237 -4.67 -5.52 14.96
C LYS A 237 -5.70 -6.47 14.37
N GLU A 238 -6.93 -6.39 14.84
CA GLU A 238 -8.01 -7.18 14.25
C GLU A 238 -8.30 -6.75 12.80
N GLY A 239 -8.26 -5.47 12.55
CA GLY A 239 -8.42 -4.95 11.20
C GLY A 239 -7.34 -5.50 10.27
N THR A 240 -6.12 -5.54 10.76
CA THR A 240 -5.00 -6.14 10.01
C THR A 240 -5.18 -7.62 9.71
N LYS A 241 -5.71 -8.39 10.66
CA LYS A 241 -5.99 -9.80 10.41
C LYS A 241 -7.00 -9.96 9.26
N ALA A 242 -8.05 -9.16 9.29
CA ALA A 242 -9.08 -9.22 8.22
C ALA A 242 -8.52 -8.80 6.86
N ASN A 243 -7.71 -7.75 6.91
CA ASN A 243 -7.01 -7.20 5.77
C ASN A 243 -6.13 -8.25 5.11
N ARG A 244 -5.28 -8.87 5.89
CA ARG A 244 -4.34 -9.85 5.34
C ARG A 244 -5.06 -11.08 4.81
N ALA A 245 -6.12 -11.51 5.49
CA ALA A 245 -6.88 -12.66 5.01
C ALA A 245 -7.46 -12.36 3.64
N ARG A 246 -7.97 -11.14 3.45
CA ARG A 246 -8.57 -10.74 2.20
C ARG A 246 -7.50 -10.67 1.10
N VAL A 247 -6.31 -10.13 1.42
CA VAL A 247 -5.22 -10.12 0.45
C VAL A 247 -4.89 -11.56 -0.03
N ASP A 248 -4.83 -12.50 0.92
CA ASP A 248 -4.52 -13.89 0.57
C ASP A 248 -5.59 -14.47 -0.35
N GLU A 249 -6.86 -14.20 -0.05
CA GLU A 249 -7.95 -14.68 -0.90
C GLU A 249 -7.88 -14.04 -2.28
N ASP A 250 -7.63 -12.73 -2.33
CA ASP A 250 -7.59 -12.03 -3.60
C ASP A 250 -6.42 -12.47 -4.48
N ASP A 251 -5.27 -12.71 -3.87
CA ASP A 251 -4.13 -13.22 -4.62
C ASP A 251 -4.39 -14.62 -5.18
N ALA A 252 -5.11 -15.44 -4.40
CA ALA A 252 -5.47 -16.78 -4.84
C ALA A 252 -6.48 -16.77 -6.00
N LYS A 253 -7.46 -15.86 -5.96
CA LYS A 253 -8.50 -15.83 -6.99
C LYS A 253 -8.07 -15.04 -8.20
N GLY A 254 -7.07 -14.19 -8.03
CA GLY A 254 -6.87 -13.04 -8.90
C GLY A 254 -6.59 -13.27 -10.36
N VAL A 255 -5.69 -14.20 -10.64
CA VAL A 255 -5.36 -14.51 -12.03
C VAL A 255 -6.58 -15.05 -12.78
N ALA A 256 -7.27 -16.03 -12.20
CA ALA A 256 -8.47 -16.57 -12.83
C ALA A 256 -9.54 -15.49 -13.03
N ASP A 257 -9.70 -14.64 -12.01
CA ASP A 257 -10.73 -13.60 -11.96
C ASP A 257 -10.53 -12.62 -13.10
N LEU A 258 -9.29 -12.24 -13.29
CA LEU A 258 -8.95 -11.23 -14.27
C LEU A 258 -8.95 -11.82 -15.69
N ARG A 259 -8.59 -13.10 -15.82
CA ARG A 259 -8.69 -13.79 -17.10
C ARG A 259 -10.15 -13.86 -17.55
N ALA A 260 -11.05 -14.12 -16.61
CA ALA A 260 -12.47 -14.21 -16.91
C ALA A 260 -13.03 -12.84 -17.30
N LYS A 261 -12.33 -11.80 -16.86
CA LYS A 261 -12.69 -10.42 -17.17
C LYS A 261 -11.95 -9.88 -18.39
N GLY A 262 -11.26 -10.77 -19.09
CA GLY A 262 -10.72 -10.47 -20.40
C GLY A 262 -9.26 -10.05 -20.48
N MET A 263 -8.53 -10.03 -19.36
CA MET A 263 -7.12 -9.63 -19.42
C MET A 263 -6.25 -10.77 -19.91
N THR A 264 -5.17 -10.41 -20.58
CA THR A 264 -4.09 -11.33 -20.87
C THR A 264 -3.16 -11.22 -19.70
N VAL A 265 -3.03 -12.32 -18.96
CA VAL A 265 -2.24 -12.31 -17.74
C VAL A 265 -0.98 -13.15 -17.89
N ILE A 266 0.18 -12.55 -17.61
CA ILE A 266 1.46 -13.27 -17.66
C ILE A 266 1.83 -13.57 -16.24
N ASP A 267 1.81 -14.85 -15.91
CA ASP A 267 1.81 -15.34 -14.53
C ASP A 267 3.14 -15.95 -14.13
N ASN A 268 4.04 -16.13 -15.09
CA ASN A 268 5.30 -16.76 -14.76
C ASN A 268 6.45 -15.87 -15.16
N ILE A 269 6.68 -14.85 -14.34
CA ILE A 269 7.69 -13.86 -14.63
C ILE A 269 9.03 -14.30 -14.05
N ASP A 270 10.10 -14.10 -14.81
CA ASP A 270 11.45 -14.33 -14.32
C ASP A 270 11.95 -13.06 -13.67
N LYS A 271 11.72 -12.95 -12.36
CA LYS A 271 12.03 -11.73 -11.62
C LYS A 271 13.52 -11.35 -11.65
N SER A 272 14.39 -12.34 -11.81
CA SER A 272 15.82 -12.05 -11.84
C SER A 272 16.21 -11.11 -12.97
N LYS A 273 15.46 -11.13 -14.07
CA LYS A 273 15.75 -10.21 -15.16
C LYS A 273 15.47 -8.78 -14.75
N PHE A 274 14.44 -8.61 -13.93
CA PHE A 274 14.08 -7.29 -13.44
C PHE A 274 15.06 -6.82 -12.36
N VAL A 275 15.49 -7.74 -11.51
CA VAL A 275 16.53 -7.42 -10.53
C VAL A 275 17.77 -6.94 -11.25
N THR A 276 18.15 -7.62 -12.32
CA THR A 276 19.38 -7.25 -13.02
C THR A 276 19.30 -5.83 -13.60
N ALA A 277 18.16 -5.51 -14.20
CA ALA A 277 17.92 -4.19 -14.75
C ALA A 277 18.01 -3.10 -13.66
N LEU A 278 17.57 -3.41 -12.45
CA LEU A 278 17.55 -2.43 -11.36
C LEU A 278 18.88 -2.29 -10.63
N ALA A 279 19.89 -3.06 -11.01
CA ALA A 279 21.10 -3.14 -10.18
C ALA A 279 21.73 -1.78 -9.83
N PRO A 280 21.91 -0.89 -10.81
CA PRO A 280 22.45 0.44 -10.53
C PRO A 280 21.63 1.27 -9.54
N VAL A 281 20.31 1.30 -9.69
CA VAL A 281 19.46 2.08 -8.81
C VAL A 281 19.36 1.41 -7.44
N ASN A 282 19.33 0.08 -7.42
CA ASN A 282 19.31 -0.64 -6.16
C ASN A 282 20.58 -0.37 -5.34
N ALA A 283 21.72 -0.26 -6.03
CA ALA A 283 22.97 0.08 -5.34
C ALA A 283 22.84 1.39 -4.62
N GLU A 284 22.18 2.36 -5.24
CA GLU A 284 21.96 3.65 -4.58
C GLU A 284 21.01 3.52 -3.36
N PHE A 285 19.96 2.72 -3.48
CA PHE A 285 19.06 2.50 -2.35
C PHE A 285 19.83 1.92 -1.15
N GLU A 286 20.69 0.95 -1.43
CA GLU A 286 21.43 0.28 -0.36
C GLU A 286 22.37 1.27 0.34
N LYS A 287 22.97 2.16 -0.45
CA LYS A 287 23.84 3.20 0.09
C LYS A 287 23.07 4.28 0.88
N GLN A 288 21.85 4.59 0.45
CA GLN A 288 21.02 5.56 1.17
C GLN A 288 20.42 5.04 2.48
N PHE A 289 19.89 3.82 2.47
CA PHE A 289 19.17 3.25 3.62
C PHE A 289 20.06 2.35 4.46
N GLY A 290 21.18 1.92 3.90
CA GLY A 290 22.20 1.21 4.65
C GLY A 290 22.17 -0.28 4.38
N LYS A 291 23.23 -0.79 3.78
CA LYS A 291 23.32 -2.21 3.51
C LYS A 291 23.10 -3.07 4.76
N ALA A 292 23.52 -2.61 5.93
CA ALA A 292 23.31 -3.40 7.16
C ALA A 292 21.81 -3.52 7.46
N ASN A 293 21.07 -2.46 7.19
CA ASN A 293 19.64 -2.43 7.47
C ASN A 293 18.87 -3.27 6.48
N ILE A 294 19.32 -3.24 5.22
CA ILE A 294 18.73 -4.04 4.17
C ILE A 294 18.94 -5.52 4.47
N GLU A 295 20.16 -5.89 4.83
CA GLU A 295 20.45 -7.30 5.07
C GLU A 295 19.72 -7.82 6.31
N LYS A 296 19.53 -6.96 7.31
CA LYS A 296 18.81 -7.38 8.50
C LYS A 296 17.39 -7.78 8.11
N ILE A 297 16.76 -6.97 7.25
CA ILE A 297 15.41 -7.29 6.77
C ILE A 297 15.46 -8.56 5.95
N ARG A 298 16.36 -8.61 4.98
CA ARG A 298 16.49 -9.81 4.14
C ARG A 298 16.66 -11.11 4.93
N ASN A 299 17.49 -11.08 5.96
CA ASN A 299 17.82 -12.29 6.71
C ASN A 299 16.90 -12.53 7.89
N TYR A 300 15.90 -11.68 8.06
CA TYR A 300 15.04 -11.83 9.21
C TYR A 300 14.35 -13.18 9.12
N LYS A 301 14.49 -13.94 10.20
CA LYS A 301 14.05 -15.33 10.29
C LYS A 301 13.87 -16.01 8.93
OAB EAX B . -3.51 1.76 -1.06
OAA EAX B . -2.23 4.58 -4.67
CAG EAX B . -2.18 3.36 -4.84
OAC EAX B . -1.91 2.78 -5.92
CAI EAX B . -2.43 2.49 -3.58
OAE EAX B . -1.98 1.17 -3.85
CAH EAX B . -3.94 2.49 -3.31
OAD EAX B . -4.34 3.82 -2.95
CAF EAX B . -4.32 1.53 -2.17
#